data_1AXT
#
_entry.id   1AXT
#
_cell.length_a   56.500
_cell.length_b   65.300
_cell.length_c   132.600
_cell.angle_alpha   90.00
_cell.angle_beta   90.00
_cell.angle_gamma   90.00
#
_symmetry.space_group_name_H-M   'P 21 21 21'
#
loop_
_entity.id
_entity.type
_entity.pdbx_description
1 polymer 'IMMUNOGLOBULIN IGG2A'
2 polymer 'IMMUNOGLOBULIN IGG2A'
3 water water
#
loop_
_entity_poly.entity_id
_entity_poly.type
_entity_poly.pdbx_seq_one_letter_code
_entity_poly.pdbx_strand_id
1 'polypeptide(L)'
;ELVMTQTPLSLPVSLGDQASISCRSSQSLVHSYGNTFLNWYLQKSGQSPKLLIYKVSNRFSGVPDRFSGSGSGTDFTLKI
SRVEAEDLGVYFCSQGTHVPYTFGGGTKLEIKRADAAPTVSIFPPSSEQLTSGGASVVCFLNNFYPKDINVKWKIDGSER
QNGVLNSWTDQDSKDSTYSMSSTLTLTKDEYERHNSYTCEATHKTSTSPIVKSFNR
;
L
2 'polypeptide(L)'
;EVKLEESGGGLVQPGGSMKLSCVVSGLTFSRFWMSWVRQSPEKGLEWVAEIRLKSDNYATHYAESVKGKFTISRDDSKSR
LYLQMNSLRTEDTGIYYCKIYFYSFSYWGQGTLVTVSAAKTTAPSVYPLAPVCGDTTGSSVTLGCLVKGYFPEPVTLTWN
SGSLSSGVHTFPAVLQSDLYTLSSSVTVTSSTWPSQSITCNVAHPASSTKVDKKIEPR
;
H
#
# COMPACT_ATOMS: atom_id res chain seq x y z
N GLU A 1 0.00 16.84 -23.18
CA GLU A 1 -0.24 16.26 -21.87
C GLU A 1 -1.29 17.02 -21.08
N LEU A 2 -2.47 16.42 -20.97
CA LEU A 2 -3.45 17.08 -20.11
C LEU A 2 -3.03 17.06 -18.65
N VAL A 3 -2.96 18.25 -18.05
CA VAL A 3 -2.60 18.26 -16.64
C VAL A 3 -3.85 18.30 -15.77
N MET A 4 -3.91 17.35 -14.86
CA MET A 4 -4.97 17.26 -13.87
C MET A 4 -4.40 17.58 -12.48
N THR A 5 -4.86 18.68 -11.91
CA THR A 5 -4.33 19.14 -10.62
C THR A 5 -5.37 18.96 -9.53
N GLN A 6 -5.10 18.19 -8.47
CA GLN A 6 -6.10 18.10 -7.42
C GLN A 6 -5.60 18.74 -6.13
N THR A 7 -6.58 19.18 -5.36
CA THR A 7 -6.41 19.71 -4.02
C THR A 7 -7.66 19.37 -3.20
N PRO A 8 -7.51 19.19 -1.90
CA PRO A 8 -6.18 19.34 -1.27
C PRO A 8 -5.42 18.03 -1.36
N LEU A 9 -4.15 18.01 -0.96
CA LEU A 9 -3.47 16.73 -1.00
C LEU A 9 -4.04 15.78 0.04
N SER A 10 -4.42 16.37 1.17
CA SER A 10 -4.93 15.65 2.33
C SER A 10 -6.10 16.40 2.97
N LEU A 11 -7.16 15.67 3.25
CA LEU A 11 -8.37 16.29 3.76
C LEU A 11 -8.90 15.62 5.02
N PRO A 12 -8.53 16.14 6.18
CA PRO A 12 -9.06 15.61 7.43
C PRO A 12 -10.48 16.15 7.60
N VAL A 13 -11.43 15.29 7.89
CA VAL A 13 -12.81 15.62 8.15
C VAL A 13 -13.35 14.75 9.28
N SER A 14 -14.31 15.28 10.03
CA SER A 14 -14.99 14.50 11.04
C SER A 14 -16.22 13.78 10.47
N LEU A 15 -16.54 12.67 11.14
CA LEU A 15 -17.69 11.87 10.77
C LEU A 15 -18.97 12.71 10.82
N GLY A 16 -19.73 12.66 9.74
CA GLY A 16 -20.96 13.42 9.62
C GLY A 16 -20.75 14.76 8.92
N ASP A 17 -19.50 15.10 8.66
CA ASP A 17 -19.16 16.36 8.02
C ASP A 17 -19.10 16.25 6.50
N GLN A 18 -18.92 17.40 5.86
CA GLN A 18 -18.89 17.47 4.40
C GLN A 18 -17.46 17.55 3.90
N ALA A 19 -17.15 16.73 2.92
CA ALA A 19 -15.81 16.84 2.32
C ALA A 19 -15.96 17.37 0.90
N SER A 20 -15.15 18.36 0.54
CA SER A 20 -15.16 18.91 -0.80
C SER A 20 -13.76 18.77 -1.41
N ILE A 21 -13.71 18.19 -2.59
CA ILE A 21 -12.47 17.83 -3.27
C ILE A 21 -12.40 18.36 -4.69
N SER A 22 -11.32 19.06 -5.01
CA SER A 22 -11.16 19.79 -6.23
C SER A 22 -10.20 19.15 -7.22
N CYS A 23 -10.67 19.13 -8.47
CA CYS A 23 -9.81 18.70 -9.56
C CYS A 23 -9.84 19.72 -10.70
N ARG A 24 -8.68 20.25 -11.08
CA ARG A 24 -8.64 21.20 -12.19
C ARG A 24 -7.82 20.68 -13.35
N SER A 25 -8.25 20.95 -14.58
CA SER A 25 -7.61 20.47 -15.79
C SER A 25 -6.98 21.58 -16.60
N SER A 26 -5.97 21.28 -17.42
CA SER A 26 -5.38 22.37 -18.20
C SER A 26 -6.19 22.72 -19.43
N GLN A 27 -7.33 22.06 -19.59
CA GLN A 27 -8.15 22.33 -20.78
C GLN A 27 -9.48 21.61 -20.71
N SER A 28 -10.37 22.05 -21.59
CA SER A 28 -11.69 21.47 -21.79
C SER A 28 -11.58 19.96 -22.02
N LEU A 29 -12.44 19.23 -21.35
CA LEU A 29 -12.61 17.80 -21.36
C LEU A 29 -13.93 17.36 -22.00
N VAL A 30 -14.61 18.29 -22.63
CA VAL A 30 -15.84 18.02 -23.35
C VAL A 30 -15.51 17.16 -24.56
N HIS A 31 -15.98 15.92 -24.58
CA HIS A 31 -15.73 15.08 -25.76
C HIS A 31 -16.77 15.38 -26.85
N SER A 32 -18.01 15.47 -26.40
CA SER A 32 -19.15 15.80 -27.25
C SER A 32 -20.27 16.34 -26.38
N TYR A 33 -21.33 16.86 -26.98
CA TYR A 33 -22.46 17.33 -26.19
C TYR A 33 -23.00 16.22 -25.29
N GLY A 34 -23.06 16.53 -24.00
CA GLY A 34 -23.43 15.56 -22.99
C GLY A 34 -22.25 14.70 -22.57
N ASN A 35 -21.11 14.81 -23.28
CA ASN A 35 -20.03 13.90 -22.92
C ASN A 35 -18.74 14.61 -22.54
N THR A 36 -18.57 14.79 -21.24
CA THR A 36 -17.36 15.32 -20.63
C THR A 36 -16.77 14.18 -19.80
N PHE A 37 -15.66 13.60 -20.25
CA PHE A 37 -15.19 12.40 -19.56
C PHE A 37 -14.22 12.70 -18.43
N LEU A 38 -14.80 13.05 -17.29
CA LEU A 38 -14.06 13.18 -16.05
C LEU A 38 -14.56 12.15 -15.05
N ASN A 39 -13.65 11.37 -14.49
CA ASN A 39 -14.03 10.30 -13.58
C ASN A 39 -13.49 10.61 -12.18
N TRP A 40 -14.15 10.09 -11.17
CA TRP A 40 -13.70 10.08 -9.79
C TRP A 40 -13.65 8.63 -9.30
N TYR A 41 -12.47 8.21 -8.86
CA TYR A 41 -12.24 6.90 -8.29
C TYR A 41 -11.87 7.02 -6.80
N LEU A 42 -12.18 5.97 -6.07
CA LEU A 42 -11.68 5.82 -4.71
C LEU A 42 -10.76 4.60 -4.65
N GLN A 43 -9.53 4.81 -4.20
CA GLN A 43 -8.58 3.73 -4.00
C GLN A 43 -8.33 3.53 -2.51
N LYS A 44 -8.85 2.42 -1.97
CA LYS A 44 -8.54 2.17 -0.56
C LYS A 44 -7.27 1.37 -0.38
N SER A 45 -6.69 1.47 0.81
CA SER A 45 -5.39 0.91 1.10
C SER A 45 -5.28 -0.55 0.66
N GLY A 46 -4.22 -0.83 -0.09
CA GLY A 46 -3.93 -2.11 -0.68
C GLY A 46 -4.95 -2.56 -1.70
N GLN A 47 -5.72 -1.64 -2.26
CA GLN A 47 -6.83 -1.96 -3.16
C GLN A 47 -6.68 -1.34 -4.54
N SER A 48 -7.53 -1.79 -5.45
CA SER A 48 -7.65 -1.21 -6.79
C SER A 48 -8.43 0.09 -6.71
N PRO A 49 -8.26 0.99 -7.66
CA PRO A 49 -9.18 2.13 -7.77
C PRO A 49 -10.59 1.66 -8.11
N LYS A 50 -11.60 2.23 -7.47
CA LYS A 50 -12.98 1.92 -7.81
C LYS A 50 -13.73 3.18 -8.24
N LEU A 51 -14.43 3.06 -9.38
CA LEU A 51 -15.19 4.19 -9.94
C LEU A 51 -16.32 4.61 -9.00
N LEU A 52 -16.39 5.89 -8.70
CA LEU A 52 -17.43 6.46 -7.87
C LEU A 52 -18.44 7.26 -8.72
N ILE A 53 -17.87 8.12 -9.55
CA ILE A 53 -18.50 9.07 -10.43
C ILE A 53 -17.93 9.05 -11.85
N TYR A 54 -18.81 9.06 -12.84
CA TYR A 54 -18.38 9.14 -14.24
C TYR A 54 -19.13 10.29 -14.93
N LYS A 55 -18.52 10.72 -16.02
CA LYS A 55 -19.05 11.86 -16.78
C LYS A 55 -19.46 13.00 -15.85
N VAL A 56 -18.54 13.35 -14.96
CA VAL A 56 -18.59 14.50 -14.08
C VAL A 56 -19.51 14.34 -12.89
N SER A 57 -20.73 13.84 -13.14
CA SER A 57 -21.75 13.87 -12.10
C SER A 57 -22.57 12.60 -11.94
N ASN A 58 -22.33 11.57 -12.75
CA ASN A 58 -23.11 10.34 -12.68
C ASN A 58 -22.56 9.36 -11.66
N ARG A 59 -23.42 8.90 -10.75
CA ARG A 59 -22.97 7.94 -9.76
C ARG A 59 -22.93 6.53 -10.32
N PHE A 60 -21.81 5.85 -10.05
CA PHE A 60 -21.69 4.46 -10.50
C PHE A 60 -22.46 3.53 -9.56
N SER A 61 -22.39 2.24 -9.82
CA SER A 61 -23.10 1.22 -9.08
C SER A 61 -22.86 1.21 -7.59
N GLY A 62 -23.94 1.17 -6.81
CA GLY A 62 -23.84 1.12 -5.36
C GLY A 62 -23.37 2.42 -4.73
N VAL A 63 -23.08 3.44 -5.54
CA VAL A 63 -22.53 4.67 -4.99
C VAL A 63 -23.63 5.55 -4.41
N PRO A 64 -23.57 5.76 -3.09
CA PRO A 64 -24.56 6.52 -2.35
C PRO A 64 -24.69 7.97 -2.77
N ASP A 65 -25.91 8.48 -2.57
CA ASP A 65 -26.32 9.83 -2.89
C ASP A 65 -25.55 10.89 -2.09
N ARG A 66 -24.84 10.43 -1.07
CA ARG A 66 -23.93 11.23 -0.28
C ARG A 66 -22.82 11.79 -1.18
N PHE A 67 -22.49 11.05 -2.23
CA PHE A 67 -21.48 11.46 -3.19
C PHE A 67 -22.08 12.25 -4.33
N SER A 68 -21.53 13.44 -4.58
CA SER A 68 -22.01 14.18 -5.74
C SER A 68 -20.82 14.77 -6.49
N GLY A 69 -20.86 14.69 -7.82
CA GLY A 69 -19.79 15.30 -8.58
C GLY A 69 -20.31 16.46 -9.38
N SER A 70 -19.47 17.46 -9.61
CA SER A 70 -19.90 18.56 -10.48
C SER A 70 -18.69 19.26 -11.07
N GLY A 71 -19.01 20.26 -11.88
CA GLY A 71 -18.07 21.13 -12.54
C GLY A 71 -18.31 21.24 -14.03
N SER A 72 -17.41 21.98 -14.66
CA SER A 72 -17.35 22.11 -16.10
C SER A 72 -16.13 22.94 -16.47
N GLY A 73 -16.00 23.16 -17.78
CA GLY A 73 -14.85 23.94 -18.23
C GLY A 73 -13.62 23.21 -17.75
N THR A 74 -12.98 23.81 -16.75
CA THR A 74 -11.73 23.18 -16.27
C THR A 74 -11.75 22.98 -14.77
N ASP A 75 -12.89 23.26 -14.13
CA ASP A 75 -13.01 23.08 -12.68
C ASP A 75 -14.04 22.01 -12.34
N PHE A 76 -13.60 20.99 -11.61
CA PHE A 76 -14.49 19.91 -11.21
C PHE A 76 -14.40 19.65 -9.71
N THR A 77 -15.53 19.26 -9.14
CA THR A 77 -15.54 19.07 -7.69
C THR A 77 -16.21 17.77 -7.28
N LEU A 78 -15.61 17.13 -6.28
CA LEU A 78 -16.25 15.98 -5.66
C LEU A 78 -16.63 16.35 -4.22
N LYS A 79 -17.92 16.19 -3.94
CA LYS A 79 -18.38 16.48 -2.59
C LYS A 79 -19.03 15.24 -1.99
N ILE A 80 -18.67 14.92 -0.75
CA ILE A 80 -19.36 13.81 -0.11
C ILE A 80 -19.97 14.25 1.21
N SER A 81 -21.27 14.05 1.33
CA SER A 81 -22.03 14.42 2.50
C SER A 81 -21.95 13.32 3.57
N ARG A 82 -22.14 13.74 4.81
CA ARG A 82 -22.18 12.87 5.97
C ARG A 82 -21.12 11.78 5.93
N VAL A 83 -19.87 12.24 5.85
CA VAL A 83 -18.74 11.37 5.67
C VAL A 83 -18.76 10.22 6.69
N GLU A 84 -18.64 9.02 6.13
CA GLU A 84 -18.66 7.81 6.92
C GLU A 84 -17.26 7.22 7.06
N ALA A 85 -17.23 6.18 7.85
CA ALA A 85 -16.13 5.36 8.30
C ALA A 85 -15.32 4.83 7.12
N GLU A 86 -16.01 4.08 6.26
CA GLU A 86 -15.35 3.43 5.14
C GLU A 86 -15.04 4.41 4.02
N ASP A 87 -15.24 5.71 4.25
CA ASP A 87 -14.94 6.67 3.18
C ASP A 87 -13.45 6.90 3.07
N LEU A 88 -12.65 6.43 4.04
CA LEU A 88 -11.22 6.73 3.98
C LEU A 88 -10.55 6.18 2.73
N GLY A 89 -9.49 6.83 2.26
CA GLY A 89 -8.76 6.31 1.13
C GLY A 89 -8.23 7.45 0.27
N VAL A 90 -7.72 7.10 -0.92
CA VAL A 90 -7.30 8.15 -1.83
C VAL A 90 -8.34 8.33 -2.93
N TYR A 91 -8.72 9.57 -3.14
CA TYR A 91 -9.63 9.97 -4.20
C TYR A 91 -8.81 10.52 -5.37
N PHE A 92 -9.04 10.00 -6.58
CA PHE A 92 -8.35 10.47 -7.77
C PHE A 92 -9.39 10.96 -8.80
N CYS A 93 -9.07 12.01 -9.51
CA CYS A 93 -9.83 12.31 -10.72
C CYS A 93 -9.04 11.77 -11.92
N SER A 94 -9.71 11.58 -13.03
CA SER A 94 -9.08 11.22 -14.30
C SER A 94 -9.90 11.78 -15.46
N GLN A 95 -9.20 12.05 -16.55
CA GLN A 95 -9.78 12.50 -17.81
C GLN A 95 -9.69 11.38 -18.86
N GLY A 96 -10.77 11.07 -19.55
CA GLY A 96 -10.77 10.08 -20.62
C GLY A 96 -11.00 10.71 -21.98
N THR A 97 -10.87 12.03 -22.05
CA THR A 97 -11.23 12.75 -23.26
C THR A 97 -10.07 12.81 -24.24
N HIS A 98 -8.88 13.11 -23.76
CA HIS A 98 -7.70 13.25 -24.61
C HIS A 98 -6.65 12.18 -24.33
N VAL A 99 -6.12 11.59 -25.39
CA VAL A 99 -5.01 10.65 -25.26
C VAL A 99 -3.69 11.39 -25.33
N PRO A 100 -2.75 11.22 -24.41
CA PRO A 100 -2.79 10.29 -23.31
C PRO A 100 -3.69 10.65 -22.14
N TYR A 101 -4.34 9.61 -21.63
CA TYR A 101 -5.15 9.70 -20.44
C TYR A 101 -4.31 10.10 -19.23
N THR A 102 -4.90 10.91 -18.37
CA THR A 102 -4.17 11.51 -17.24
C THR A 102 -5.03 11.51 -15.99
N PHE A 103 -4.40 11.51 -14.83
CA PHE A 103 -4.94 11.42 -13.50
C PHE A 103 -4.44 12.57 -12.64
N GLY A 104 -5.22 12.96 -11.64
CA GLY A 104 -4.74 13.86 -10.61
C GLY A 104 -3.82 13.10 -9.66
N GLY A 105 -3.02 13.83 -8.89
CA GLY A 105 -2.10 13.26 -7.94
C GLY A 105 -2.79 12.67 -6.71
N GLY A 106 -4.11 12.75 -6.64
CA GLY A 106 -4.84 12.12 -5.55
C GLY A 106 -5.04 13.03 -4.36
N THR A 107 -6.13 12.77 -3.64
CA THR A 107 -6.42 13.44 -2.39
C THR A 107 -6.71 12.43 -1.29
N LYS A 108 -5.94 12.43 -0.20
CA LYS A 108 -6.22 11.40 0.80
C LYS A 108 -7.22 11.90 1.83
N LEU A 109 -8.28 11.14 2.01
CA LEU A 109 -9.26 11.48 3.04
C LEU A 109 -8.83 10.88 4.38
N GLU A 110 -8.85 11.71 5.40
CA GLU A 110 -8.50 11.34 6.76
C GLU A 110 -9.64 11.61 7.73
N ILE A 111 -10.10 10.56 8.41
CA ILE A 111 -11.11 10.67 9.45
C ILE A 111 -10.54 11.24 10.73
N LYS A 112 -11.12 12.38 11.12
CA LYS A 112 -10.70 12.98 12.39
C LYS A 112 -11.30 12.16 13.53
N ARG A 113 -10.59 12.16 14.64
CA ARG A 113 -10.94 11.47 15.86
C ARG A 113 -10.08 12.04 16.98
N ALA A 114 -10.42 11.67 18.21
CA ALA A 114 -9.70 12.17 19.36
C ALA A 114 -8.24 11.70 19.32
N ASP A 115 -7.44 12.55 19.95
CA ASP A 115 -6.02 12.31 20.09
C ASP A 115 -5.80 11.01 20.85
N ALA A 116 -4.74 10.31 20.45
CA ALA A 116 -4.49 9.02 21.10
C ALA A 116 -2.98 8.81 21.23
N ALA A 117 -2.56 8.49 22.46
CA ALA A 117 -1.17 8.18 22.74
C ALA A 117 -0.83 6.84 22.09
N PRO A 118 0.38 6.69 21.59
CA PRO A 118 0.79 5.38 21.04
C PRO A 118 0.92 4.36 22.15
N THR A 119 0.65 3.10 21.84
CA THR A 119 0.97 2.03 22.79
C THR A 119 2.34 1.49 22.41
N VAL A 120 3.33 1.74 23.25
CA VAL A 120 4.71 1.39 22.98
C VAL A 120 5.18 0.06 23.57
N SER A 121 5.72 -0.79 22.70
CA SER A 121 6.24 -2.11 22.98
C SER A 121 7.65 -2.23 22.40
N ILE A 122 8.59 -2.67 23.22
CA ILE A 122 9.96 -2.82 22.73
C ILE A 122 10.38 -4.27 22.80
N PHE A 123 11.14 -4.74 21.82
CA PHE A 123 11.51 -6.14 21.80
C PHE A 123 13.01 -6.34 21.62
N PRO A 124 13.65 -7.18 22.44
CA PRO A 124 15.05 -7.53 22.19
C PRO A 124 15.29 -8.44 21.01
N PRO A 125 16.53 -8.44 20.52
CA PRO A 125 16.96 -9.39 19.50
C PRO A 125 16.59 -10.82 19.91
N SER A 126 16.23 -11.63 18.93
CA SER A 126 15.93 -13.03 19.22
C SER A 126 17.22 -13.85 19.26
N SER A 127 17.13 -15.04 19.85
CA SER A 127 18.29 -15.93 19.87
C SER A 127 18.64 -16.39 18.46
N GLU A 128 17.60 -16.61 17.65
CA GLU A 128 17.90 -16.98 16.26
C GLU A 128 18.77 -15.93 15.58
N GLN A 129 18.41 -14.67 15.78
CA GLN A 129 19.20 -13.62 15.14
C GLN A 129 20.60 -13.53 15.74
N LEU A 130 20.66 -13.55 17.07
CA LEU A 130 21.94 -13.40 17.76
C LEU A 130 22.92 -14.50 17.35
N THR A 131 22.40 -15.68 17.08
CA THR A 131 23.16 -16.84 16.65
C THR A 131 23.73 -16.65 15.25
N SER A 132 23.02 -15.86 14.45
CA SER A 132 23.51 -15.52 13.12
C SER A 132 24.52 -14.37 13.17
N GLY A 133 24.69 -13.79 14.36
CA GLY A 133 25.62 -12.68 14.52
C GLY A 133 24.95 -11.33 14.40
N GLY A 134 23.62 -11.32 14.53
CA GLY A 134 22.90 -10.07 14.35
C GLY A 134 22.03 -9.75 15.55
N ALA A 135 21.69 -8.47 15.68
CA ALA A 135 20.89 -7.98 16.79
C ALA A 135 20.02 -6.79 16.41
N SER A 136 18.77 -7.08 16.04
CA SER A 136 17.78 -6.04 15.79
C SER A 136 16.90 -5.85 17.02
N VAL A 137 16.73 -4.61 17.43
CA VAL A 137 15.80 -4.23 18.49
C VAL A 137 14.60 -3.57 17.83
N VAL A 138 13.38 -3.92 18.22
CA VAL A 138 12.20 -3.39 17.54
C VAL A 138 11.29 -2.68 18.50
N CYS A 139 10.69 -1.61 18.00
CA CYS A 139 9.70 -0.93 18.85
C CYS A 139 8.45 -0.65 18.03
N PHE A 140 7.32 -1.08 18.57
CA PHE A 140 6.02 -0.75 17.99
C PHE A 140 5.42 0.42 18.77
N LEU A 141 4.81 1.33 18.07
CA LEU A 141 4.08 2.49 18.56
C LEU A 141 2.70 2.48 17.92
N ASN A 142 1.75 1.80 18.55
CA ASN A 142 0.52 1.47 17.85
C ASN A 142 -0.69 2.25 18.34
N ASN A 143 -1.61 2.41 17.39
CA ASN A 143 -2.93 2.96 17.60
C ASN A 143 -2.86 4.35 18.23
N PHE A 144 -2.17 5.26 17.55
CA PHE A 144 -2.05 6.66 17.96
C PHE A 144 -2.71 7.62 16.96
N TYR A 145 -3.10 8.78 17.46
CA TYR A 145 -3.61 9.85 16.61
C TYR A 145 -3.25 11.18 17.27
N PRO A 146 -2.79 12.17 16.52
CA PRO A 146 -2.67 12.14 15.06
C PRO A 146 -1.40 11.44 14.58
N LYS A 147 -1.19 11.38 13.27
CA LYS A 147 -0.16 10.62 12.59
C LYS A 147 1.25 11.11 12.84
N ASP A 148 1.40 12.40 13.10
CA ASP A 148 2.74 12.94 13.31
C ASP A 148 3.36 12.44 14.61
N ILE A 149 4.49 11.75 14.46
CA ILE A 149 5.23 11.20 15.58
C ILE A 149 6.72 11.22 15.27
N ASN A 150 7.52 11.25 16.33
CA ASN A 150 8.97 11.15 16.13
C ASN A 150 9.54 10.07 17.03
N VAL A 151 10.57 9.39 16.57
CA VAL A 151 11.07 8.28 17.37
C VAL A 151 12.59 8.30 17.50
N LYS A 152 13.05 8.21 18.74
CA LYS A 152 14.48 8.19 19.00
C LYS A 152 14.85 6.91 19.76
N TRP A 153 16.05 6.46 19.44
CA TRP A 153 16.74 5.36 20.06
C TRP A 153 17.91 5.87 20.91
N LYS A 154 17.97 5.37 22.15
CA LYS A 154 19.03 5.72 23.09
C LYS A 154 19.65 4.46 23.67
N ILE A 155 20.95 4.32 23.47
CA ILE A 155 21.66 3.17 24.03
C ILE A 155 22.56 3.59 25.19
N ASP A 156 22.27 3.01 26.35
CA ASP A 156 22.97 3.37 27.58
C ASP A 156 22.91 4.88 27.78
N GLY A 157 21.69 5.41 27.69
CA GLY A 157 21.36 6.79 27.86
C GLY A 157 21.69 7.69 26.68
N SER A 158 22.86 7.52 26.08
CA SER A 158 23.24 8.36 24.95
C SER A 158 22.31 8.15 23.75
N GLU A 159 21.86 9.26 23.15
CA GLU A 159 21.08 9.09 21.93
C GLU A 159 21.96 8.37 20.89
N ARG A 160 21.32 7.56 20.06
CA ARG A 160 22.05 6.81 19.05
C ARG A 160 21.13 6.18 18.03
N GLN A 161 21.22 6.65 16.79
CA GLN A 161 20.46 6.12 15.67
C GLN A 161 21.37 5.91 14.45
N ASN A 162 21.56 4.65 14.08
CA ASN A 162 22.36 4.22 12.94
C ASN A 162 22.05 2.75 12.68
N GLY A 163 21.41 2.45 11.54
CA GLY A 163 20.93 1.10 11.29
C GLY A 163 19.47 1.01 11.70
N VAL A 164 18.80 2.14 11.51
CA VAL A 164 17.41 2.34 11.87
C VAL A 164 16.51 2.26 10.65
N LEU A 165 15.43 1.50 10.78
CA LEU A 165 14.45 1.36 9.71
C LEU A 165 13.03 1.57 10.25
N ASN A 166 12.37 2.57 9.69
CA ASN A 166 11.04 2.95 10.11
C ASN A 166 9.98 2.73 9.04
N SER A 167 8.82 2.22 9.48
CA SER A 167 7.71 2.05 8.57
C SER A 167 6.40 2.35 9.29
N TRP A 168 5.37 2.83 8.59
CA TRP A 168 4.12 3.08 9.29
C TRP A 168 2.89 2.64 8.52
N THR A 169 1.75 2.59 9.21
CA THR A 169 0.56 2.11 8.53
C THR A 169 -0.30 3.26 8.01
N ASP A 170 -1.21 2.87 7.11
CA ASP A 170 -2.26 3.78 6.66
C ASP A 170 -3.33 3.90 7.73
N GLN A 171 -4.20 4.90 7.66
CA GLN A 171 -5.23 5.03 8.69
C GLN A 171 -6.09 3.80 8.84
N ASP A 172 -6.25 3.35 10.09
CA ASP A 172 -7.13 2.22 10.36
C ASP A 172 -8.59 2.56 10.05
N SER A 173 -9.26 1.66 9.36
CA SER A 173 -10.63 1.78 8.93
C SER A 173 -11.64 1.67 10.07
N LYS A 174 -11.31 0.89 11.11
CA LYS A 174 -12.24 0.74 12.21
C LYS A 174 -12.06 1.75 13.34
N ASP A 175 -10.83 2.14 13.68
CA ASP A 175 -10.60 3.06 14.78
C ASP A 175 -9.91 4.35 14.39
N SER A 176 -9.50 4.51 13.13
CA SER A 176 -9.00 5.80 12.68
C SER A 176 -7.65 6.19 13.26
N THR A 177 -6.92 5.20 13.77
CA THR A 177 -5.58 5.44 14.28
C THR A 177 -4.50 5.13 13.23
N TYR A 178 -3.27 5.37 13.62
CA TYR A 178 -2.04 5.10 12.88
C TYR A 178 -1.15 4.21 13.75
N SER A 179 -0.34 3.36 13.14
CA SER A 179 0.66 2.62 13.93
C SER A 179 2.04 2.77 13.32
N MET A 180 3.09 2.49 14.10
CA MET A 180 4.43 2.64 13.57
C MET A 180 5.40 1.57 14.08
N SER A 181 6.31 1.16 13.21
CA SER A 181 7.38 0.29 13.65
C SER A 181 8.75 0.92 13.40
N SER A 182 9.62 0.67 14.35
CA SER A 182 11.00 1.13 14.27
C SER A 182 11.95 -0.02 14.64
N THR A 183 12.88 -0.29 13.74
CA THR A 183 13.85 -1.36 13.93
C THR A 183 15.26 -0.80 13.97
N LEU A 184 15.96 -1.08 15.07
CA LEU A 184 17.34 -0.69 15.21
C LEU A 184 18.23 -1.92 15.05
N THR A 185 19.01 -1.95 13.98
CA THR A 185 19.72 -3.20 13.73
C THR A 185 21.21 -3.07 14.02
N LEU A 186 21.65 -3.84 15.01
CA LEU A 186 23.07 -3.85 15.36
C LEU A 186 23.73 -5.18 15.04
N THR A 187 25.07 -5.20 14.95
CA THR A 187 25.75 -6.49 14.97
C THR A 187 25.74 -6.98 16.42
N LYS A 188 25.82 -8.29 16.60
CA LYS A 188 25.73 -8.89 17.94
C LYS A 188 26.80 -8.30 18.84
N ASP A 189 27.99 -8.11 18.25
CA ASP A 189 29.10 -7.63 19.08
C ASP A 189 28.83 -6.22 19.60
N GLU A 190 28.15 -5.40 18.80
CA GLU A 190 27.88 -4.04 19.24
C GLU A 190 26.70 -4.07 20.21
N TYR A 191 25.74 -4.94 19.90
CA TYR A 191 24.61 -5.06 20.82
C TYR A 191 25.10 -5.43 22.22
N GLU A 192 26.03 -6.38 22.26
CA GLU A 192 26.66 -6.88 23.47
C GLU A 192 27.46 -5.83 24.22
N ARG A 193 27.88 -4.78 23.52
CA ARG A 193 28.72 -3.73 24.07
C ARG A 193 27.96 -2.78 24.99
N HIS A 194 26.63 -2.88 25.07
CA HIS A 194 25.89 -1.93 25.89
C HIS A 194 24.75 -2.59 26.65
N ASN A 195 24.14 -1.86 27.59
CA ASN A 195 23.12 -2.50 28.42
C ASN A 195 21.71 -1.98 28.27
N SER A 196 21.49 -0.67 28.37
CA SER A 196 20.13 -0.15 28.35
C SER A 196 19.70 0.31 26.96
N TYR A 197 18.58 -0.27 26.50
CA TYR A 197 18.01 0.03 25.21
C TYR A 197 16.64 0.67 25.36
N THR A 198 16.55 1.89 24.81
CA THR A 198 15.32 2.66 24.91
C THR A 198 14.86 3.19 23.55
N CYS A 199 13.58 3.00 23.28
CA CYS A 199 12.73 3.55 22.23
C CYS A 199 11.99 4.75 22.79
N GLU A 200 12.20 5.93 22.17
CA GLU A 200 11.59 7.12 22.75
C GLU A 200 10.69 7.82 21.75
N ALA A 201 9.45 8.06 22.21
CA ALA A 201 8.48 8.60 21.28
C ALA A 201 8.06 10.00 21.67
N THR A 202 8.03 10.88 20.68
CA THR A 202 7.49 12.22 20.92
C THR A 202 6.17 12.34 20.17
N HIS A 203 5.08 12.50 20.93
CA HIS A 203 3.76 12.68 20.35
C HIS A 203 2.99 13.76 21.12
N LYS A 204 2.17 14.48 20.39
CA LYS A 204 1.44 15.63 20.90
C LYS A 204 0.63 15.30 22.14
N THR A 205 0.26 14.04 22.31
CA THR A 205 -0.59 13.67 23.44
C THR A 205 0.13 13.80 24.77
N SER A 206 1.44 13.93 24.71
CA SER A 206 2.31 13.99 25.89
C SER A 206 3.35 15.10 25.78
N THR A 207 3.54 15.80 26.89
CA THR A 207 4.50 16.88 27.02
C THR A 207 5.93 16.34 27.05
N SER A 208 6.07 15.21 27.74
CA SER A 208 7.35 14.51 27.78
C SER A 208 7.31 13.40 26.73
N PRO A 209 8.42 12.75 26.43
CA PRO A 209 8.33 11.62 25.48
C PRO A 209 7.77 10.39 26.18
N ILE A 210 7.28 9.44 25.37
CA ILE A 210 6.84 8.20 25.99
C ILE A 210 7.81 7.12 25.57
N VAL A 211 8.39 6.47 26.57
CA VAL A 211 9.49 5.55 26.38
C VAL A 211 9.26 4.17 27.01
N LYS A 212 9.81 3.17 26.33
CA LYS A 212 9.87 1.81 26.83
C LYS A 212 11.31 1.32 26.70
N SER A 213 11.73 0.45 27.63
CA SER A 213 13.15 0.09 27.58
C SER A 213 13.35 -1.25 28.26
N PHE A 214 14.54 -1.80 28.07
CA PHE A 214 14.98 -3.01 28.73
C PHE A 214 16.50 -2.91 28.90
N ASN A 215 17.05 -3.78 29.73
CA ASN A 215 18.50 -3.94 29.76
C ASN A 215 18.86 -5.39 29.45
N ARG A 216 19.83 -5.60 28.56
CA ARG A 216 20.16 -6.98 28.24
C ARG A 216 20.86 -7.64 29.42
N GLU B 1 -21.41 -9.58 -13.62
CA GLU B 1 -20.44 -8.95 -12.73
C GLU B 1 -19.03 -9.03 -13.33
N VAL B 2 -18.54 -7.86 -13.72
CA VAL B 2 -17.28 -7.78 -14.43
C VAL B 2 -16.14 -8.12 -13.47
N LYS B 3 -15.21 -8.93 -13.97
CA LYS B 3 -14.00 -9.24 -13.23
C LYS B 3 -12.80 -9.08 -14.15
N LEU B 4 -11.84 -8.28 -13.70
CA LEU B 4 -10.58 -8.18 -14.43
C LEU B 4 -9.46 -8.76 -13.57
N GLU B 5 -8.62 -9.56 -14.22
CA GLU B 5 -7.55 -10.23 -13.51
C GLU B 5 -6.23 -10.24 -14.27
N GLU B 6 -5.24 -9.54 -13.72
CA GLU B 6 -3.90 -9.41 -14.26
C GLU B 6 -3.05 -10.59 -13.78
N SER B 7 -2.15 -11.05 -14.64
CA SER B 7 -1.26 -12.16 -14.32
C SER B 7 0.08 -11.96 -15.01
N GLY B 8 1.10 -12.65 -14.52
CA GLY B 8 2.41 -12.69 -15.13
C GLY B 8 3.38 -11.62 -14.72
N GLY B 9 3.16 -10.92 -13.61
CA GLY B 9 4.14 -9.94 -13.12
C GLY B 9 5.36 -10.66 -12.55
N GLY B 10 6.18 -9.96 -11.78
CA GLY B 10 7.33 -10.58 -11.14
C GLY B 10 8.60 -9.77 -11.33
N LEU B 11 9.70 -10.38 -10.94
CA LEU B 11 11.05 -9.87 -10.97
C LEU B 11 11.73 -10.09 -12.31
N VAL B 12 12.23 -8.99 -12.91
CA VAL B 12 12.97 -9.11 -14.17
C VAL B 12 14.11 -8.10 -14.18
N GLN B 13 15.21 -8.46 -14.83
CA GLN B 13 16.35 -7.56 -14.80
C GLN B 13 16.25 -6.51 -15.90
N PRO B 14 16.89 -5.36 -15.66
CA PRO B 14 16.98 -4.31 -16.68
C PRO B 14 17.46 -4.90 -18.02
N GLY B 15 16.80 -4.46 -19.08
CA GLY B 15 17.07 -4.94 -20.42
C GLY B 15 16.23 -6.16 -20.72
N GLY B 16 15.54 -6.65 -19.68
CA GLY B 16 14.70 -7.83 -19.87
C GLY B 16 13.32 -7.55 -20.44
N SER B 17 12.63 -8.62 -20.80
CA SER B 17 11.28 -8.65 -21.31
C SER B 17 10.36 -9.37 -20.32
N MET B 18 9.06 -9.18 -20.49
CA MET B 18 8.02 -9.79 -19.68
C MET B 18 6.66 -9.51 -20.31
N LYS B 19 5.79 -10.50 -20.34
CA LYS B 19 4.46 -10.34 -20.89
C LYS B 19 3.36 -10.42 -19.85
N LEU B 20 2.58 -9.35 -19.72
CA LEU B 20 1.39 -9.41 -18.89
C LEU B 20 0.16 -9.88 -19.67
N SER B 21 -0.66 -10.63 -18.96
CA SER B 21 -1.97 -11.07 -19.39
C SER B 21 -3.05 -10.46 -18.48
N CYS B 22 -4.23 -10.24 -19.04
CA CYS B 22 -5.39 -9.73 -18.34
C CYS B 22 -6.64 -10.42 -18.89
N VAL B 23 -7.24 -11.23 -18.03
CA VAL B 23 -8.44 -11.99 -18.41
C VAL B 23 -9.68 -11.26 -17.94
N VAL B 24 -10.63 -10.97 -18.83
CA VAL B 24 -11.84 -10.34 -18.30
C VAL B 24 -13.10 -11.17 -18.51
N SER B 25 -14.00 -11.12 -17.54
CA SER B 25 -15.30 -11.77 -17.52
C SER B 25 -16.42 -10.87 -17.02
N GLY B 26 -17.67 -11.20 -17.40
CA GLY B 26 -18.77 -10.41 -16.87
C GLY B 26 -19.32 -9.43 -17.87
N LEU B 27 -18.69 -9.39 -19.05
CA LEU B 27 -19.20 -8.50 -20.10
C LEU B 27 -18.70 -9.01 -21.45
N THR B 28 -19.06 -8.34 -22.54
CA THR B 28 -18.57 -8.73 -23.86
C THR B 28 -17.31 -7.93 -24.22
N PHE B 29 -16.18 -8.54 -23.92
CA PHE B 29 -14.84 -8.00 -24.09
C PHE B 29 -14.65 -7.29 -25.41
N SER B 30 -15.12 -7.92 -26.49
CA SER B 30 -14.80 -7.46 -27.83
C SER B 30 -15.39 -6.10 -28.14
N ARG B 31 -16.38 -5.72 -27.35
CA ARG B 31 -17.08 -4.45 -27.52
C ARG B 31 -16.30 -3.26 -27.01
N PHE B 32 -15.33 -3.48 -26.11
CA PHE B 32 -14.78 -2.30 -25.45
C PHE B 32 -13.29 -2.10 -25.64
N TRP B 33 -12.89 -0.83 -25.53
CA TRP B 33 -11.49 -0.45 -25.56
C TRP B 33 -10.83 -0.83 -24.23
N MET B 34 -9.53 -1.07 -24.26
CA MET B 34 -8.83 -1.40 -23.02
C MET B 34 -7.48 -0.70 -22.94
N SER B 35 -7.01 -0.58 -21.70
CA SER B 35 -5.76 0.12 -21.43
C SER B 35 -4.99 -0.58 -20.31
N TRP B 36 -3.68 -0.34 -20.33
CA TRP B 36 -2.82 -0.66 -19.22
C TRP B 36 -2.42 0.67 -18.54
N VAL B 37 -2.56 0.69 -17.23
CA VAL B 37 -2.14 1.76 -16.35
C VAL B 37 -1.27 1.19 -15.22
N ARG B 38 -0.18 1.87 -14.89
CA ARG B 38 0.70 1.45 -13.82
C ARG B 38 0.72 2.52 -12.72
N GLN B 39 1.04 2.06 -11.53
CA GLN B 39 1.13 2.87 -10.33
C GLN B 39 2.46 2.61 -9.60
N SER B 40 3.03 3.68 -9.10
CA SER B 40 4.19 3.69 -8.24
C SER B 40 3.91 4.64 -7.07
N PRO B 41 4.48 4.32 -5.92
CA PRO B 41 4.36 5.24 -4.78
C PRO B 41 5.04 6.57 -5.11
N GLU B 42 6.03 6.55 -6.02
CA GLU B 42 6.73 7.80 -6.25
C GLU B 42 6.11 8.60 -7.37
N LYS B 43 5.34 7.96 -8.26
CA LYS B 43 4.83 8.75 -9.39
C LYS B 43 3.33 8.72 -9.50
N GLY B 44 2.66 7.84 -8.76
CA GLY B 44 1.21 7.77 -8.91
C GLY B 44 0.81 7.02 -10.16
N LEU B 45 -0.35 7.37 -10.71
CA LEU B 45 -0.98 6.64 -11.80
C LEU B 45 -0.50 7.13 -13.16
N GLU B 46 -0.04 6.21 -14.00
CA GLU B 46 0.40 6.59 -15.34
C GLU B 46 -0.17 5.64 -16.38
N TRP B 47 -0.92 6.19 -17.33
CA TRP B 47 -1.44 5.37 -18.43
C TRP B 47 -0.29 5.04 -19.38
N VAL B 48 -0.21 3.82 -19.88
CA VAL B 48 0.88 3.59 -20.84
C VAL B 48 0.41 3.15 -22.21
N ALA B 49 -0.75 2.52 -22.31
CA ALA B 49 -1.20 1.95 -23.57
C ALA B 49 -2.70 1.62 -23.63
N GLU B 50 -3.29 1.83 -24.80
CA GLU B 50 -4.69 1.56 -25.08
C GLU B 50 -4.87 0.79 -26.38
N ILE B 51 -5.84 -0.12 -26.39
CA ILE B 51 -6.22 -0.83 -27.60
C ILE B 51 -7.73 -0.77 -27.82
N ARG B 52 -8.13 -0.47 -29.05
CA ARG B 52 -9.55 -0.34 -29.41
C ARG B 52 -10.10 -1.58 -30.07
N LEU B 53 -11.04 -1.45 -31.01
CA LEU B 53 -11.76 -2.63 -31.47
C LEU B 53 -11.35 -3.20 -32.82
N LYS B 54 -11.89 -4.36 -33.12
CA LYS B 54 -11.68 -4.97 -34.43
C LYS B 54 -12.06 -3.99 -35.54
N SER B 55 -13.28 -3.46 -35.45
CA SER B 55 -13.77 -2.46 -36.39
C SER B 55 -12.83 -1.28 -36.54
N ASP B 56 -12.05 -0.99 -35.51
CA ASP B 56 -11.04 0.06 -35.50
C ASP B 56 -9.73 -0.45 -36.09
N ASN B 57 -9.73 -1.72 -36.48
CA ASN B 57 -8.49 -2.32 -36.95
C ASN B 57 -7.49 -2.40 -35.80
N TYR B 58 -8.05 -2.58 -34.60
CA TYR B 58 -7.23 -2.78 -33.42
C TYR B 58 -6.23 -1.66 -33.21
N ALA B 59 -6.74 -0.43 -33.34
CA ALA B 59 -5.84 0.71 -33.19
C ALA B 59 -5.34 0.77 -31.74
N THR B 60 -4.09 1.19 -31.63
CA THR B 60 -3.44 1.26 -30.31
C THR B 60 -2.79 2.63 -30.16
N HIS B 61 -2.64 3.04 -28.91
CA HIS B 61 -1.99 4.29 -28.56
C HIS B 61 -1.12 4.02 -27.34
N TYR B 62 0.00 4.71 -27.26
CA TYR B 62 0.95 4.50 -26.17
C TYR B 62 1.41 5.82 -25.58
N ALA B 63 1.86 5.76 -24.33
CA ALA B 63 2.56 6.90 -23.74
C ALA B 63 3.94 7.02 -24.35
N GLU B 64 4.40 8.22 -24.64
CA GLU B 64 5.70 8.38 -25.30
C GLU B 64 6.83 7.66 -24.56
N SER B 65 6.72 7.52 -23.24
CA SER B 65 7.73 6.87 -22.43
C SER B 65 7.87 5.38 -22.68
N VAL B 66 6.90 4.74 -23.35
CA VAL B 66 7.08 3.31 -23.60
C VAL B 66 7.01 2.96 -25.08
N LYS B 67 6.77 3.95 -25.93
CA LYS B 67 6.70 3.80 -27.37
C LYS B 67 7.90 2.99 -27.88
N GLY B 68 7.63 1.96 -28.67
CA GLY B 68 8.68 1.12 -29.23
C GLY B 68 9.20 0.06 -28.28
N LYS B 69 8.84 0.09 -27.00
CA LYS B 69 9.27 -0.90 -26.03
C LYS B 69 8.11 -1.78 -25.55
N PHE B 70 6.91 -1.22 -25.54
CA PHE B 70 5.69 -1.89 -25.16
C PHE B 70 4.76 -2.12 -26.35
N THR B 71 4.11 -3.27 -26.34
CA THR B 71 3.10 -3.60 -27.32
C THR B 71 1.85 -4.17 -26.66
N ILE B 72 0.72 -3.51 -26.84
CA ILE B 72 -0.54 -4.01 -26.29
C ILE B 72 -1.29 -4.72 -27.42
N SER B 73 -1.87 -5.85 -27.07
CA SER B 73 -2.61 -6.70 -27.98
C SER B 73 -3.79 -7.33 -27.26
N ARG B 74 -4.80 -7.76 -28.02
CA ARG B 74 -5.92 -8.45 -27.38
C ARG B 74 -6.34 -9.61 -28.27
N ASP B 75 -7.00 -10.57 -27.61
CA ASP B 75 -7.58 -11.74 -28.24
C ASP B 75 -9.06 -11.78 -27.89
N ASP B 76 -9.87 -11.23 -28.79
CA ASP B 76 -11.31 -11.17 -28.54
C ASP B 76 -11.89 -12.55 -28.27
N SER B 77 -11.26 -13.60 -28.82
CA SER B 77 -11.83 -14.94 -28.65
C SER B 77 -11.57 -15.48 -27.25
N LYS B 78 -10.47 -15.11 -26.61
CA LYS B 78 -10.29 -15.61 -25.24
C LYS B 78 -10.61 -14.55 -24.20
N SER B 79 -11.04 -13.37 -24.62
CA SER B 79 -11.30 -12.27 -23.70
C SER B 79 -10.06 -11.94 -22.88
N ARG B 80 -8.90 -11.90 -23.55
CA ARG B 80 -7.65 -11.60 -22.87
C ARG B 80 -6.93 -10.41 -23.52
N LEU B 81 -6.40 -9.56 -22.67
CA LEU B 81 -5.56 -8.40 -22.94
C LEU B 81 -4.11 -8.79 -22.62
N TYR B 82 -3.16 -8.22 -23.33
CA TYR B 82 -1.76 -8.53 -23.11
C TYR B 82 -0.94 -7.23 -23.15
N LEU B 83 0.25 -7.33 -22.58
CA LEU B 83 1.22 -6.26 -22.66
C LEU B 83 2.60 -6.91 -22.80
N GLN B 84 3.21 -6.73 -23.96
CA GLN B 84 4.56 -7.23 -24.13
C GLN B 84 5.52 -6.07 -23.83
N MET B 85 6.33 -6.27 -22.80
CA MET B 85 7.36 -5.36 -22.36
C MET B 85 8.74 -5.92 -22.66
N ASN B 86 9.55 -5.17 -23.39
CA ASN B 86 10.97 -5.45 -23.54
C ASN B 86 11.78 -4.20 -23.19
N SER B 87 13.09 -4.41 -23.10
CA SER B 87 13.94 -3.25 -22.81
C SER B 87 13.55 -2.66 -21.48
N LEU B 88 13.16 -3.53 -20.55
CA LEU B 88 12.68 -2.95 -19.30
C LEU B 88 13.77 -2.19 -18.56
N ARG B 89 13.40 -1.06 -17.96
CA ARG B 89 14.32 -0.29 -17.14
C ARG B 89 13.81 -0.23 -15.71
N THR B 90 14.63 0.17 -14.75
CA THR B 90 14.12 0.12 -13.38
C THR B 90 12.92 1.03 -13.20
N GLU B 91 12.80 2.09 -14.00
CA GLU B 91 11.70 3.02 -13.81
C GLU B 91 10.36 2.48 -14.30
N ASP B 92 10.36 1.27 -14.85
CA ASP B 92 9.15 0.61 -15.32
C ASP B 92 8.54 -0.22 -14.20
N THR B 93 9.27 -0.27 -13.10
CA THR B 93 8.81 -0.91 -11.88
C THR B 93 7.48 -0.33 -11.45
N GLY B 94 6.55 -1.22 -11.11
CA GLY B 94 5.27 -0.76 -10.61
C GLY B 94 4.20 -1.83 -10.59
N ILE B 95 3.05 -1.42 -10.07
CA ILE B 95 1.86 -2.25 -10.18
C ILE B 95 1.12 -1.89 -11.46
N TYR B 96 0.90 -2.92 -12.27
CA TYR B 96 0.27 -2.79 -13.57
C TYR B 96 -1.18 -3.26 -13.52
N TYR B 97 -2.10 -2.36 -13.90
CA TYR B 97 -3.52 -2.66 -13.93
C TYR B 97 -3.97 -2.75 -15.39
N CYS B 98 -4.89 -3.65 -15.68
CA CYS B 98 -5.57 -3.52 -16.98
C CYS B 98 -6.92 -2.91 -16.69
N LYS B 99 -7.53 -2.13 -17.59
CA LYS B 99 -8.89 -1.71 -17.28
C LYS B 99 -9.71 -1.65 -18.57
N ILE B 100 -11.01 -1.75 -18.37
CA ILE B 100 -11.99 -1.75 -19.45
C ILE B 100 -12.99 -0.63 -19.16
N TYR B 101 -13.40 0.08 -20.19
CA TYR B 101 -14.23 1.25 -19.98
C TYR B 101 -15.11 1.52 -21.21
N PHE B 102 -16.05 2.42 -20.99
CA PHE B 102 -17.10 2.80 -21.93
C PHE B 102 -17.71 4.10 -21.40
N TYR B 103 -18.71 4.66 -22.05
CA TYR B 103 -19.35 5.89 -21.62
C TYR B 103 -19.90 5.76 -20.20
N SER B 104 -20.40 4.57 -19.89
CA SER B 104 -21.09 4.39 -18.61
C SER B 104 -20.31 3.58 -17.60
N PHE B 105 -19.07 3.21 -17.88
CA PHE B 105 -18.39 2.40 -16.88
C PHE B 105 -16.86 2.46 -16.97
N SER B 106 -16.23 2.00 -15.90
CA SER B 106 -14.82 1.77 -15.77
C SER B 106 -14.57 0.79 -14.60
N TYR B 107 -13.73 -0.19 -14.87
CA TYR B 107 -13.30 -1.31 -14.06
C TYR B 107 -11.80 -1.51 -14.19
N TRP B 108 -11.13 -1.79 -13.07
CA TRP B 108 -9.70 -2.07 -13.04
C TRP B 108 -9.46 -3.48 -12.47
N GLY B 109 -8.40 -4.15 -12.92
CA GLY B 109 -8.13 -5.48 -12.36
C GLY B 109 -7.53 -5.32 -10.98
N GLN B 110 -7.00 -6.38 -10.39
CA GLN B 110 -6.46 -6.20 -9.04
C GLN B 110 -5.02 -5.73 -9.10
N GLY B 111 -4.45 -5.73 -10.30
CA GLY B 111 -3.09 -5.24 -10.48
C GLY B 111 -2.03 -6.30 -10.25
N THR B 112 -0.95 -6.25 -11.00
CA THR B 112 0.16 -7.19 -10.82
C THR B 112 1.49 -6.43 -10.73
N LEU B 113 2.28 -6.79 -9.73
CA LEU B 113 3.57 -6.22 -9.40
C LEU B 113 4.65 -6.60 -10.40
N VAL B 114 5.28 -5.58 -10.95
CA VAL B 114 6.41 -5.71 -11.85
C VAL B 114 7.61 -5.00 -11.24
N THR B 115 8.60 -5.82 -10.90
CA THR B 115 9.83 -5.31 -10.29
C THR B 115 10.99 -5.48 -11.25
N VAL B 116 11.51 -4.34 -11.73
CA VAL B 116 12.62 -4.39 -12.67
C VAL B 116 13.92 -4.06 -11.94
N SER B 117 14.72 -5.12 -11.75
CA SER B 117 15.90 -4.89 -10.91
C SER B 117 16.98 -5.94 -11.13
N ALA B 118 18.22 -5.49 -10.98
CA ALA B 118 19.39 -6.34 -11.13
C ALA B 118 19.65 -7.17 -9.87
N ALA B 119 18.94 -6.85 -8.80
CA ALA B 119 19.08 -7.52 -7.52
C ALA B 119 18.54 -8.95 -7.58
N LYS B 120 19.16 -9.82 -6.80
CA LYS B 120 18.91 -11.25 -6.76
C LYS B 120 17.81 -11.66 -5.79
N THR B 121 17.02 -12.62 -6.22
CA THR B 121 16.02 -13.21 -5.35
C THR B 121 16.66 -13.73 -4.06
N THR B 122 16.10 -13.33 -2.92
CA THR B 122 16.68 -13.70 -1.63
C THR B 122 15.62 -14.04 -0.60
N ALA B 123 15.80 -15.16 0.08
CA ALA B 123 14.94 -15.68 1.11
C ALA B 123 15.10 -14.89 2.41
N PRO B 124 14.00 -14.52 3.06
CA PRO B 124 14.07 -13.78 4.32
C PRO B 124 14.51 -14.66 5.48
N SER B 125 14.91 -13.98 6.55
CA SER B 125 15.12 -14.57 7.86
C SER B 125 13.91 -14.22 8.71
N VAL B 126 13.35 -15.19 9.42
CA VAL B 126 12.15 -14.87 10.20
C VAL B 126 12.47 -15.03 11.69
N TYR B 127 12.27 -13.93 12.41
CA TYR B 127 12.62 -13.81 13.82
C TYR B 127 11.38 -13.42 14.64
N PRO B 128 11.21 -14.10 15.76
CA PRO B 128 10.07 -13.90 16.66
C PRO B 128 10.36 -12.80 17.68
N LEU B 129 9.35 -11.97 17.94
CA LEU B 129 9.52 -10.86 18.86
C LEU B 129 8.70 -11.10 20.12
N ALA B 130 9.36 -11.59 21.16
CA ALA B 130 8.74 -11.79 22.46
C ALA B 130 9.19 -10.68 23.40
N PRO B 131 8.29 -10.22 24.25
CA PRO B 131 8.65 -9.14 25.18
C PRO B 131 9.56 -9.60 26.30
N VAL B 132 10.03 -8.66 27.12
CA VAL B 132 10.78 -9.14 28.30
C VAL B 132 9.81 -9.21 29.47
N CYS B 133 9.66 -8.09 30.18
CA CYS B 133 8.76 -8.02 31.32
C CYS B 133 7.42 -8.69 31.00
N GLY B 134 7.09 -8.76 29.72
CA GLY B 134 5.85 -9.37 29.27
C GLY B 134 4.64 -8.50 29.54
N ASP B 135 3.72 -8.44 28.59
CA ASP B 135 2.51 -7.66 28.72
C ASP B 135 1.43 -8.43 29.47
N THR B 136 1.55 -9.77 29.44
CA THR B 136 0.58 -10.63 30.11
C THR B 136 0.48 -10.31 31.59
N THR B 137 0.77 -9.06 31.94
CA THR B 137 0.71 -8.63 33.34
C THR B 137 -0.20 -7.41 33.49
N GLY B 138 -0.91 -7.06 32.43
CA GLY B 138 -1.82 -5.93 32.43
C GLY B 138 -3.14 -6.25 31.76
N SER B 139 -3.29 -7.47 31.27
CA SER B 139 -4.51 -7.89 30.61
C SER B 139 -4.26 -8.20 29.14
N SER B 140 -3.53 -7.33 28.47
CA SER B 140 -3.20 -7.49 27.06
C SER B 140 -1.70 -7.47 26.81
N VAL B 141 -1.24 -8.25 25.84
CA VAL B 141 0.19 -8.15 25.53
C VAL B 141 0.38 -8.17 24.02
N THR B 142 1.47 -7.58 23.57
CA THR B 142 1.78 -7.46 22.15
C THR B 142 3.00 -8.29 21.77
N LEU B 143 2.86 -9.05 20.69
CA LEU B 143 3.97 -9.87 20.21
C LEU B 143 4.36 -9.37 18.82
N GLY B 144 5.43 -9.93 18.26
CA GLY B 144 5.79 -9.60 16.91
C GLY B 144 6.59 -10.63 16.15
N CYS B 145 6.76 -10.30 14.89
CA CYS B 145 7.47 -11.00 13.86
C CYS B 145 8.29 -10.04 13.00
N LEU B 146 9.54 -10.39 12.77
CA LEU B 146 10.46 -9.64 11.93
C LEU B 146 10.94 -10.54 10.79
N VAL B 147 10.63 -10.11 9.57
CA VAL B 147 10.95 -10.78 8.32
C VAL B 147 11.99 -9.93 7.60
N LYS B 148 13.25 -10.36 7.68
CA LYS B 148 14.35 -9.51 7.27
C LYS B 148 15.15 -10.07 6.11
N GLY B 149 15.50 -9.18 5.19
CA GLY B 149 16.47 -9.42 4.15
C GLY B 149 15.98 -10.30 3.04
N TYR B 150 14.82 -9.98 2.49
CA TYR B 150 14.28 -10.70 1.34
C TYR B 150 14.24 -9.81 0.09
N PHE B 151 13.94 -10.47 -1.02
CA PHE B 151 13.77 -9.83 -2.32
C PHE B 151 13.30 -10.86 -3.35
N PRO B 152 12.39 -10.54 -4.26
CA PRO B 152 11.65 -9.29 -4.28
C PRO B 152 10.46 -9.32 -3.31
N GLU B 153 9.70 -8.25 -3.31
CA GLU B 153 8.75 -7.71 -2.40
C GLU B 153 7.78 -8.66 -1.73
N PRO B 154 6.99 -9.36 -2.52
CA PRO B 154 5.83 -9.95 -1.88
C PRO B 154 6.21 -11.01 -0.86
N VAL B 155 5.93 -10.72 0.41
CA VAL B 155 5.78 -11.82 1.36
C VAL B 155 4.35 -11.80 1.89
N THR B 156 3.92 -12.94 2.42
CA THR B 156 2.66 -13.06 3.11
C THR B 156 2.96 -13.41 4.58
N LEU B 157 2.26 -12.75 5.48
CA LEU B 157 2.34 -12.92 6.91
C LEU B 157 0.95 -13.02 7.52
N THR B 158 0.75 -14.12 8.24
CA THR B 158 -0.47 -14.32 9.01
C THR B 158 -0.11 -14.72 10.43
N TRP B 159 -1.09 -14.69 11.32
CA TRP B 159 -0.94 -15.16 12.69
C TRP B 159 -1.91 -16.31 12.96
N ASN B 160 -1.37 -17.41 13.46
CA ASN B 160 -2.23 -18.58 13.69
C ASN B 160 -3.04 -18.91 12.45
N SER B 161 -2.32 -18.92 11.34
CA SER B 161 -2.86 -19.32 10.05
C SER B 161 -3.99 -18.43 9.59
N GLY B 162 -3.98 -17.18 10.04
CA GLY B 162 -5.05 -16.26 9.64
C GLY B 162 -6.17 -16.22 10.66
N SER B 163 -6.08 -17.06 11.69
CA SER B 163 -7.13 -17.08 12.70
C SER B 163 -7.12 -15.82 13.56
N LEU B 164 -5.92 -15.30 13.82
CA LEU B 164 -5.84 -14.00 14.47
C LEU B 164 -5.76 -12.93 13.37
N SER B 165 -6.82 -12.18 13.19
CA SER B 165 -7.11 -11.17 12.21
C SER B 165 -7.16 -9.77 12.80
N SER B 166 -7.91 -9.62 13.88
CA SER B 166 -7.99 -8.41 14.66
C SER B 166 -6.79 -8.24 15.57
N GLY B 167 -6.49 -6.97 15.86
CA GLY B 167 -5.41 -6.65 16.77
C GLY B 167 -4.03 -6.80 16.15
N VAL B 168 -4.01 -7.00 14.84
CA VAL B 168 -2.81 -7.18 14.05
C VAL B 168 -2.45 -5.92 13.24
N HIS B 169 -1.18 -5.58 13.24
CA HIS B 169 -0.66 -4.47 12.44
C HIS B 169 0.53 -5.00 11.62
N THR B 170 0.37 -5.13 10.30
CA THR B 170 1.45 -5.60 9.44
C THR B 170 2.03 -4.42 8.67
N PHE B 171 3.25 -4.02 9.01
CA PHE B 171 3.82 -2.81 8.43
C PHE B 171 4.36 -2.97 7.02
N PRO B 172 4.16 -1.98 6.16
CA PRO B 172 4.71 -2.07 4.80
C PRO B 172 6.22 -2.31 4.81
N ALA B 173 6.67 -3.18 3.92
CA ALA B 173 8.08 -3.51 3.81
C ALA B 173 8.85 -2.25 3.43
N VAL B 174 10.13 -2.23 3.74
CA VAL B 174 10.95 -1.09 3.37
C VAL B 174 12.21 -1.64 2.69
N LEU B 175 12.55 -1.06 1.56
CA LEU B 175 13.72 -1.55 0.84
C LEU B 175 14.95 -0.72 1.19
N GLN B 176 16.02 -1.43 1.50
CA GLN B 176 17.33 -0.84 1.62
C GLN B 176 18.38 -1.80 1.06
N SER B 177 19.25 -1.24 0.22
CA SER B 177 20.38 -2.02 -0.27
C SER B 177 19.89 -3.32 -0.92
N ASP B 178 18.89 -3.18 -1.76
CA ASP B 178 18.34 -4.28 -2.53
C ASP B 178 17.81 -5.41 -1.66
N LEU B 179 17.59 -5.16 -0.37
CA LEU B 179 16.92 -6.16 0.47
C LEU B 179 15.79 -5.55 1.28
N TYR B 180 14.65 -6.24 1.36
CA TYR B 180 13.50 -5.71 2.06
C TYR B 180 13.47 -6.14 3.52
N THR B 181 12.92 -5.29 4.38
CA THR B 181 12.60 -5.68 5.75
C THR B 181 11.14 -5.34 6.05
N LEU B 182 10.46 -6.27 6.72
CA LEU B 182 9.08 -6.09 7.09
C LEU B 182 8.91 -6.49 8.56
N SER B 183 7.82 -6.05 9.19
CA SER B 183 7.51 -6.46 10.54
C SER B 183 5.99 -6.43 10.78
N SER B 184 5.59 -7.13 11.85
CA SER B 184 4.17 -7.20 12.19
C SER B 184 3.97 -7.42 13.68
N SER B 185 2.89 -6.87 14.20
CA SER B 185 2.56 -7.01 15.62
C SER B 185 1.16 -7.61 15.77
N VAL B 186 0.98 -8.38 16.83
CA VAL B 186 -0.27 -8.94 17.30
C VAL B 186 -0.46 -8.53 18.77
N THR B 187 -1.62 -7.98 19.09
CA THR B 187 -1.96 -7.70 20.49
C THR B 187 -3.09 -8.61 20.96
N VAL B 188 -2.81 -9.36 22.02
CA VAL B 188 -3.83 -10.28 22.54
C VAL B 188 -4.01 -10.05 24.03
N THR B 189 -4.97 -10.77 24.57
CA THR B 189 -5.23 -10.81 26.00
C THR B 189 -4.09 -11.56 26.69
N SER B 190 -3.65 -11.03 27.82
CA SER B 190 -2.60 -11.58 28.66
C SER B 190 -2.88 -13.00 29.13
N SER B 191 -4.13 -13.31 29.44
CA SER B 191 -4.50 -14.69 29.77
C SER B 191 -4.29 -15.64 28.59
N THR B 192 -4.12 -15.12 27.38
CA THR B 192 -4.00 -15.91 26.16
C THR B 192 -2.67 -16.65 26.03
N TRP B 193 -1.61 -15.89 25.86
CA TRP B 193 -0.22 -16.18 25.61
C TRP B 193 0.53 -15.89 26.91
N PRO B 194 1.54 -16.67 27.26
CA PRO B 194 2.10 -17.75 26.45
C PRO B 194 1.45 -19.11 26.63
N SER B 195 0.40 -19.17 27.45
CA SER B 195 -0.32 -20.41 27.71
C SER B 195 -0.78 -21.06 26.42
N GLN B 196 -1.44 -20.29 25.56
CA GLN B 196 -1.84 -20.73 24.22
C GLN B 196 -0.83 -20.26 23.18
N SER B 197 -0.54 -21.11 22.19
CA SER B 197 0.49 -20.78 21.23
C SER B 197 0.07 -19.66 20.29
N ILE B 198 1.03 -18.80 19.99
CA ILE B 198 0.83 -17.81 18.93
C ILE B 198 1.99 -17.95 17.95
N THR B 199 1.62 -18.10 16.69
CA THR B 199 2.58 -18.38 15.65
C THR B 199 2.45 -17.44 14.46
N CYS B 200 3.62 -16.96 14.01
CA CYS B 200 3.79 -16.14 12.84
C CYS B 200 3.98 -17.02 11.61
N ASN B 201 3.07 -16.96 10.65
CA ASN B 201 3.16 -17.73 9.42
C ASN B 201 3.66 -16.85 8.28
N VAL B 202 4.90 -17.06 7.86
CA VAL B 202 5.52 -16.20 6.85
C VAL B 202 5.81 -16.92 5.56
N ALA B 203 5.38 -16.34 4.44
CA ALA B 203 5.74 -16.95 3.17
C ALA B 203 6.39 -15.94 2.22
N HIS B 204 7.44 -16.42 1.56
CA HIS B 204 8.10 -15.72 0.47
C HIS B 204 8.09 -16.58 -0.79
N PRO B 205 6.96 -16.50 -1.50
CA PRO B 205 6.75 -17.31 -2.69
C PRO B 205 7.92 -17.28 -3.67
N ALA B 206 8.52 -16.11 -3.89
CA ALA B 206 9.60 -16.04 -4.89
C ALA B 206 10.76 -16.97 -4.57
N SER B 207 10.95 -17.27 -3.30
CA SER B 207 12.05 -18.15 -2.91
C SER B 207 11.49 -19.47 -2.40
N SER B 208 10.17 -19.55 -2.50
CA SER B 208 9.42 -20.67 -1.96
C SER B 208 9.82 -20.92 -0.51
N THR B 209 9.85 -19.83 0.25
CA THR B 209 10.12 -19.93 1.68
C THR B 209 8.78 -19.91 2.42
N LYS B 210 8.66 -20.83 3.37
CA LYS B 210 7.48 -20.99 4.20
C LYS B 210 7.92 -21.22 5.64
N VAL B 211 7.64 -20.25 6.52
CA VAL B 211 8.14 -20.39 7.89
C VAL B 211 7.03 -20.19 8.91
N ASP B 212 6.95 -21.14 9.82
CA ASP B 212 6.01 -21.09 10.94
C ASP B 212 6.73 -20.84 12.26
N LYS B 213 6.91 -19.58 12.62
CA LYS B 213 7.71 -19.18 13.77
C LYS B 213 6.86 -18.96 15.02
N LYS B 214 7.04 -19.87 15.96
CA LYS B 214 6.36 -19.86 17.25
C LYS B 214 7.00 -18.82 18.16
N ILE B 215 6.20 -17.89 18.65
CA ILE B 215 6.75 -16.90 19.57
C ILE B 215 6.71 -17.45 21.00
N GLU B 216 7.90 -17.80 21.48
CA GLU B 216 7.98 -18.35 22.83
C GLU B 216 8.37 -17.30 23.83
N PRO B 217 7.85 -17.45 25.04
CA PRO B 217 8.03 -16.45 26.08
C PRO B 217 9.47 -16.48 26.60
N ARG B 218 9.88 -15.40 27.20
CA ARG B 218 11.14 -15.13 27.88
C ARG B 218 11.98 -14.16 27.06
#